data_9NNJ
#
_entry.id   9NNJ
#
_cell.length_a   58.104
_cell.length_b   63.626
_cell.length_c   123.138
_cell.angle_alpha   90.00
_cell.angle_beta   90.00
_cell.angle_gamma   90.00
#
_symmetry.space_group_name_H-M   'P 21 21 21'
#
loop_
_entity.id
_entity.type
_entity.pdbx_description
1 polymer 'Cholesterol 24-hydroxylase'
2 non-polymer 'PROTOPORPHYRIN IX CONTAINING FE'
3 non-polymer 3-chloro-N-[(3M)-3-(1,3-oxazol-5-yl)phenyl]-N-(propan-2-yl)benzene-1-sulfonamide
4 non-polymer 1,2-ETHANEDIOL
5 water water
#
_entity_poly.entity_id   1
_entity_poly.type   'polypeptide(L)'
_entity_poly.pdbx_seq_one_letter_code
;MHHHHHHSRYEHIPGPPRPSFLLGHLPCFWKKDEVGGRVLQDVFLDWAKKYGPVVRVNVFHKTSVIVTSPESVKKFLMST
KYNKDSKMYRALQTVFGERLFGQGLVSECNYERWHKQRRVIDLAFSRSSLVSLMETFNEKAEQLVEILEAKADGQTPVSM
QDMLTYTAMDILAKAAFGMETSMLLGAQKPLSQAVKLMLEGITASRNTLAKFLPGKRKQLREVRESIRFLRQVGRDWVQR
RREALKRGEEVPADILTQILKAEEGAQDDEGLLDNFVTFFIAGHETSANHLAFTVMELSRQPEIVARLQAEVDEVIGSKR
YLDFEDLGRLQYLSQVLKESLRLYPPAWGTFRLLEEETLIDGVRVPGNTPLLFSTYVMGRMDTYFEDPLTFNPDRFGPGA
PKPRFTYFPFSLGHRSCIGQQFAQMEVKVVMAKLLQRLEFRLVPGQRFGLQEQATLKPLDPVLCTLRPRGWQPA
;
_entity_poly.pdbx_strand_id   A
#
# COMPACT_ATOMS: atom_id res chain seq x y z
N SER A 8 15.32 -1.37 -31.41
CA SER A 8 16.72 -1.76 -31.73
C SER A 8 17.69 -1.22 -30.67
N ARG A 9 17.42 -0.03 -30.12
CA ARG A 9 18.40 0.59 -29.23
C ARG A 9 18.52 -0.22 -27.94
N TYR A 10 17.56 -1.13 -27.70
CA TYR A 10 17.53 -1.94 -26.50
C TYR A 10 17.67 -3.44 -26.80
N GLU A 11 17.86 -3.79 -28.08
CA GLU A 11 17.81 -5.19 -28.51
C GLU A 11 18.95 -6.03 -27.90
N HIS A 12 20.08 -5.38 -27.57
CA HIS A 12 21.25 -6.03 -27.02
C HIS A 12 21.02 -6.43 -25.56
N ILE A 13 20.08 -5.77 -24.87
CA ILE A 13 19.81 -6.08 -23.48
C ILE A 13 19.10 -7.44 -23.38
N PRO A 14 19.51 -8.34 -22.46
CA PRO A 14 18.85 -9.64 -22.33
C PRO A 14 17.35 -9.48 -22.09
N GLY A 15 16.56 -10.33 -22.76
CA GLY A 15 15.12 -10.27 -22.70
C GLY A 15 14.47 -11.37 -23.54
N PRO A 16 13.14 -11.59 -23.44
CA PRO A 16 12.44 -12.58 -24.27
C PRO A 16 12.27 -12.09 -25.70
N PRO A 17 12.48 -12.95 -26.72
CA PRO A 17 12.32 -12.54 -28.12
C PRO A 17 10.87 -12.64 -28.57
N VAL A 39 -0.70 -13.24 -13.46
CA VAL A 39 -0.23 -11.91 -12.98
C VAL A 39 1.10 -11.55 -13.64
N LEU A 40 1.19 -10.30 -14.13
CA LEU A 40 2.30 -9.83 -14.95
C LEU A 40 3.61 -9.84 -14.17
N GLN A 41 3.52 -9.51 -12.89
CA GLN A 41 4.66 -9.49 -11.99
C GLN A 41 5.32 -10.87 -11.90
N ASP A 42 4.58 -11.94 -12.20
CA ASP A 42 5.14 -13.29 -12.14
C ASP A 42 5.91 -13.59 -13.41
N VAL A 43 5.50 -12.93 -14.50
CA VAL A 43 6.23 -13.04 -15.77
C VAL A 43 7.54 -12.28 -15.62
N PHE A 44 7.49 -11.15 -14.90
CA PHE A 44 8.68 -10.37 -14.59
C PHE A 44 9.64 -11.24 -13.80
N LEU A 45 9.08 -12.05 -12.89
CA LEU A 45 9.87 -12.94 -12.05
C LEU A 45 10.55 -13.99 -12.92
N ASP A 46 9.78 -14.61 -13.84
CA ASP A 46 10.31 -15.65 -14.72
C ASP A 46 11.43 -15.09 -15.58
N TRP A 47 11.25 -13.85 -16.03
CA TRP A 47 12.19 -13.17 -16.90
C TRP A 47 13.48 -12.83 -16.16
N ALA A 48 13.34 -12.48 -14.86
CA ALA A 48 14.49 -12.10 -14.06
C ALA A 48 15.33 -13.34 -13.76
N LYS A 49 14.66 -14.47 -13.49
CA LYS A 49 15.32 -15.73 -13.19
C LYS A 49 16.01 -16.26 -14.43
N LYS A 50 15.35 -16.12 -15.59
CA LYS A 50 15.83 -16.68 -16.83
C LYS A 50 16.94 -15.81 -17.43
N TYR A 51 16.88 -14.49 -17.22
CA TYR A 51 17.69 -13.59 -18.02
C TYR A 51 18.69 -12.78 -17.18
N GLY A 52 18.57 -12.81 -15.86
CA GLY A 52 19.58 -12.19 -15.01
C GLY A 52 19.11 -10.87 -14.43
N PRO A 53 20.03 -10.03 -13.87
CA PRO A 53 19.63 -8.90 -13.03
C PRO A 53 19.27 -7.63 -13.81
N VAL A 54 19.35 -7.68 -15.14
CA VAL A 54 19.03 -6.54 -15.99
C VAL A 54 18.29 -7.05 -17.22
N VAL A 55 16.96 -6.85 -17.26
CA VAL A 55 16.14 -7.41 -18.33
C VAL A 55 15.22 -6.34 -18.91
N ARG A 56 15.15 -6.25 -20.24
CA ARG A 56 14.28 -5.28 -20.87
C ARG A 56 12.87 -5.83 -21.00
N VAL A 57 11.88 -4.95 -20.82
CA VAL A 57 10.46 -5.29 -20.92
C VAL A 57 9.77 -4.26 -21.80
N ASN A 58 8.76 -4.71 -22.57
CA ASN A 58 8.10 -3.88 -23.56
C ASN A 58 6.61 -3.77 -23.27
N VAL A 59 6.20 -4.12 -22.05
CA VAL A 59 4.79 -4.20 -21.69
C VAL A 59 4.19 -2.82 -21.43
N PHE A 60 5.02 -1.89 -20.94
CA PHE A 60 4.59 -0.53 -20.70
C PHE A 60 4.65 0.28 -21.99
N HIS A 61 4.04 1.48 -21.99
CA HIS A 61 3.96 2.30 -23.18
C HIS A 61 5.34 2.68 -23.67
N LYS A 62 6.35 2.31 -22.89
CA LYS A 62 7.75 2.61 -23.16
C LYS A 62 8.57 1.39 -22.76
N THR A 63 9.61 1.08 -23.55
CA THR A 63 10.55 0.05 -23.19
C THR A 63 11.22 0.43 -21.88
N SER A 64 11.28 -0.53 -20.95
CA SER A 64 11.96 -0.27 -19.70
C SER A 64 12.84 -1.46 -19.34
N VAL A 65 13.62 -1.29 -18.27
CA VAL A 65 14.60 -2.30 -17.86
C VAL A 65 14.34 -2.64 -16.39
N ILE A 66 14.14 -3.94 -16.12
CA ILE A 66 13.92 -4.35 -14.74
C ILE A 66 15.25 -4.79 -14.13
N VAL A 67 15.56 -4.20 -12.98
CA VAL A 67 16.87 -4.35 -12.34
C VAL A 67 16.67 -5.05 -11.00
N THR A 68 17.35 -6.19 -10.82
CA THR A 68 17.06 -7.01 -9.65
C THR A 68 18.32 -7.39 -8.88
N SER A 69 19.41 -6.65 -9.05
CA SER A 69 20.58 -6.89 -8.21
C SER A 69 20.55 -5.95 -7.01
N PRO A 70 20.90 -6.42 -5.79
CA PRO A 70 20.97 -5.57 -4.60
C PRO A 70 21.85 -4.32 -4.78
N GLU A 71 22.98 -4.51 -5.47
CA GLU A 71 23.95 -3.46 -5.72
C GLU A 71 23.25 -2.28 -6.43
N SER A 72 22.44 -2.61 -7.44
CA SER A 72 21.74 -1.63 -8.25
C SER A 72 20.62 -0.98 -7.45
N VAL A 73 19.84 -1.80 -6.75
CA VAL A 73 18.82 -1.28 -5.84
C VAL A 73 19.43 -0.19 -4.97
N LYS A 74 20.58 -0.50 -4.35
CA LYS A 74 21.26 0.42 -3.46
C LYS A 74 21.68 1.68 -4.22
N LYS A 75 22.32 1.49 -5.39
CA LYS A 75 22.86 2.60 -6.16
C LYS A 75 21.77 3.57 -6.59
N PHE A 76 20.64 3.03 -7.07
CA PHE A 76 19.63 3.86 -7.71
C PHE A 76 18.61 4.41 -6.73
N LEU A 77 18.23 3.64 -5.72
CA LEU A 77 17.17 4.08 -4.82
C LEU A 77 17.73 4.98 -3.72
N MET A 78 18.98 4.74 -3.33
CA MET A 78 19.57 5.41 -2.19
C MET A 78 20.34 6.65 -2.62
N SER A 79 19.90 7.30 -3.70
CA SER A 79 20.57 8.50 -4.15
C SER A 79 19.57 9.58 -4.59
N THR A 80 19.91 10.84 -4.32
CA THR A 80 19.08 11.95 -4.78
C THR A 80 19.45 12.34 -6.21
N LYS A 81 20.46 11.67 -6.77
CA LYS A 81 20.88 11.92 -8.15
C LYS A 81 19.85 11.33 -9.11
N TYR A 82 19.15 10.26 -8.67
CA TYR A 82 18.22 9.54 -9.52
C TYR A 82 16.79 9.88 -9.11
N ASN A 83 15.99 10.26 -10.10
CA ASN A 83 14.64 10.75 -9.87
C ASN A 83 13.62 9.81 -10.51
N LYS A 84 12.35 9.95 -10.14
CA LYS A 84 11.28 9.13 -10.71
C LYS A 84 11.10 9.51 -12.17
N ASP A 85 10.71 8.52 -12.98
CA ASP A 85 10.56 8.72 -14.41
C ASP A 85 9.12 9.15 -14.68
N SER A 86 8.95 10.37 -15.19
CA SER A 86 7.60 10.93 -15.30
C SER A 86 6.78 10.25 -16.40
N LYS A 87 7.44 9.68 -17.41
CA LYS A 87 6.74 8.99 -18.49
C LYS A 87 5.99 7.77 -17.92
N MET A 88 6.57 7.16 -16.88
CA MET A 88 5.98 5.96 -16.30
C MET A 88 4.88 6.35 -15.31
N TYR A 89 5.07 7.47 -14.62
CA TYR A 89 4.15 7.92 -13.59
C TYR A 89 2.94 8.64 -14.19
N ARG A 90 3.02 9.04 -15.47
CA ARG A 90 1.90 9.74 -16.09
C ARG A 90 0.67 8.84 -16.09
N ALA A 91 0.88 7.54 -15.88
CA ALA A 91 -0.21 6.58 -15.82
C ALA A 91 -1.01 6.77 -14.52
N LEU A 92 -0.36 7.32 -13.48
CA LEU A 92 -1.04 7.66 -12.25
C LEU A 92 -1.58 9.10 -12.33
N GLN A 93 -0.86 9.95 -13.08
CA GLN A 93 -1.15 11.37 -13.14
C GLN A 93 -2.53 11.61 -13.78
N THR A 94 -2.79 10.94 -14.90
CA THR A 94 -3.99 11.11 -15.71
C THR A 94 -4.44 9.75 -16.22
N VAL A 95 -5.72 9.41 -16.02
CA VAL A 95 -6.24 8.14 -16.50
C VAL A 95 -7.37 8.40 -17.50
N PHE A 96 -7.12 8.04 -18.77
CA PHE A 96 -8.05 8.22 -19.88
C PHE A 96 -8.51 9.66 -19.98
N GLY A 97 -7.55 10.59 -19.92
CA GLY A 97 -7.79 12.01 -20.12
C GLY A 97 -8.19 12.72 -18.82
N GLU A 98 -8.30 11.95 -17.73
CA GLU A 98 -8.90 12.43 -16.50
C GLU A 98 -7.85 12.44 -15.41
N ARG A 99 -7.59 13.64 -14.87
CA ARG A 99 -6.53 13.90 -13.91
C ARG A 99 -6.82 13.18 -12.60
N LEU A 100 -5.85 12.38 -12.14
CA LEU A 100 -6.06 11.56 -10.95
C LEU A 100 -5.07 11.94 -9.86
N PHE A 101 -3.87 11.34 -9.87
CA PHE A 101 -2.86 11.67 -8.88
C PHE A 101 -2.19 13.01 -9.22
N GLY A 102 -2.35 13.46 -10.47
CA GLY A 102 -1.74 14.68 -10.95
C GLY A 102 -0.29 14.81 -10.48
N GLN A 103 0.03 15.94 -9.85
CA GLN A 103 1.38 16.23 -9.39
C GLN A 103 1.43 16.16 -7.86
N GLY A 104 0.60 15.28 -7.29
CA GLY A 104 0.67 14.99 -5.87
C GLY A 104 1.97 14.30 -5.50
N LEU A 105 2.08 13.85 -4.24
CA LEU A 105 3.36 13.48 -3.66
C LEU A 105 3.93 12.19 -4.24
N VAL A 106 3.07 11.28 -4.73
CA VAL A 106 3.56 10.02 -5.27
C VAL A 106 4.07 10.22 -6.69
N SER A 107 3.39 11.07 -7.46
CA SER A 107 3.54 11.05 -8.90
C SER A 107 4.28 12.30 -9.41
N GLU A 108 4.68 13.18 -8.48
CA GLU A 108 5.54 14.31 -8.78
C GLU A 108 6.99 13.84 -8.96
N CYS A 109 7.58 14.14 -10.13
CA CYS A 109 8.87 13.60 -10.51
C CYS A 109 9.96 14.68 -10.51
N ASN A 110 9.56 15.95 -10.42
CA ASN A 110 10.52 17.04 -10.25
C ASN A 110 10.91 17.13 -8.78
N TYR A 111 12.24 17.05 -8.53
CA TYR A 111 12.81 16.91 -7.20
C TYR A 111 12.42 18.10 -6.32
N GLU A 112 12.54 19.32 -6.86
CA GLU A 112 12.30 20.56 -6.15
C GLU A 112 10.86 20.61 -5.66
N ARG A 113 9.93 20.35 -6.59
CA ARG A 113 8.50 20.36 -6.29
C ARG A 113 8.14 19.23 -5.32
N TRP A 114 8.78 18.06 -5.48
CA TRP A 114 8.53 16.94 -4.58
C TRP A 114 9.00 17.30 -3.17
N HIS A 115 10.22 17.83 -3.07
CA HIS A 115 10.92 18.05 -1.82
C HIS A 115 10.14 19.05 -0.98
N LYS A 116 9.56 20.03 -1.67
CA LYS A 116 8.84 21.12 -1.02
C LYS A 116 7.62 20.57 -0.29
N GLN A 117 6.84 19.73 -0.98
CA GLN A 117 5.59 19.23 -0.42
C GLN A 117 5.89 18.13 0.61
N ARG A 118 6.94 17.34 0.37
CA ARG A 118 7.30 16.27 1.27
C ARG A 118 7.56 16.82 2.68
N ARG A 119 8.30 17.93 2.76
CA ARG A 119 8.77 18.44 4.04
C ARG A 119 7.64 19.08 4.83
N VAL A 120 6.68 19.70 4.12
CA VAL A 120 5.49 20.27 4.75
C VAL A 120 4.60 19.14 5.30
N ILE A 121 4.39 18.09 4.50
CA ILE A 121 3.44 17.04 4.82
C ILE A 121 4.05 16.12 5.89
N ASP A 122 5.39 16.03 5.92
CA ASP A 122 6.15 15.25 6.90
C ASP A 122 5.68 15.48 8.33
N LEU A 123 5.22 16.71 8.63
CA LEU A 123 4.85 17.16 9.96
C LEU A 123 3.67 16.36 10.49
N ALA A 124 2.77 15.95 9.59
CA ALA A 124 1.61 15.17 9.96
C ALA A 124 2.00 13.72 10.28
N PHE A 125 3.28 13.39 10.10
CA PHE A 125 3.72 12.00 10.27
C PHE A 125 4.76 11.91 11.38
N SER A 126 4.93 13.00 12.13
CA SER A 126 5.82 12.99 13.28
C SER A 126 5.35 11.96 14.29
N ARG A 127 6.30 11.46 15.10
CA ARG A 127 6.03 10.49 16.15
C ARG A 127 4.77 10.87 16.93
N SER A 128 4.67 12.14 17.37
CA SER A 128 3.59 12.55 18.25
C SER A 128 2.26 12.68 17.51
N SER A 129 2.32 13.03 16.22
CA SER A 129 1.15 13.07 15.35
C SER A 129 0.55 11.67 15.21
N LEU A 130 1.44 10.70 14.97
CA LEU A 130 1.06 9.31 14.80
C LEU A 130 0.55 8.74 16.13
N VAL A 131 1.20 9.08 17.24
CA VAL A 131 0.81 8.54 18.53
C VAL A 131 -0.64 8.91 18.85
N SER A 132 -1.05 10.12 18.45
CA SER A 132 -2.36 10.65 18.78
C SER A 132 -3.47 9.98 17.94
N LEU A 133 -3.07 9.18 16.94
CA LEU A 133 -3.99 8.49 16.06
C LEU A 133 -4.36 7.12 16.64
N MET A 134 -3.75 6.76 17.77
CA MET A 134 -3.94 5.44 18.37
C MET A 134 -5.41 5.21 18.71
N GLU A 135 -6.10 6.28 19.15
CA GLU A 135 -7.51 6.22 19.48
C GLU A 135 -8.34 5.85 18.25
N THR A 136 -8.04 6.49 17.11
CA THR A 136 -8.79 6.25 15.88
C THR A 136 -8.59 4.80 15.44
N PHE A 137 -7.32 4.35 15.49
CA PHE A 137 -6.96 3.00 15.08
C PHE A 137 -7.70 1.99 15.94
N ASN A 138 -7.69 2.21 17.26
CA ASN A 138 -8.37 1.36 18.23
C ASN A 138 -9.88 1.35 18.01
N GLU A 139 -10.48 2.51 17.73
CA GLU A 139 -11.92 2.61 17.63
C GLU A 139 -12.44 1.83 16.44
N LYS A 140 -11.83 2.06 15.27
CA LYS A 140 -12.24 1.43 14.02
C LYS A 140 -11.96 -0.07 14.04
N ALA A 141 -10.86 -0.48 14.69
CA ALA A 141 -10.51 -1.88 14.88
C ALA A 141 -11.55 -2.56 15.77
N GLU A 142 -11.99 -1.84 16.81
CA GLU A 142 -12.93 -2.36 17.79
C GLU A 142 -14.31 -2.50 17.14
N GLN A 143 -14.65 -1.54 16.29
CA GLN A 143 -15.90 -1.61 15.56
C GLN A 143 -15.92 -2.83 14.64
N LEU A 144 -14.83 -3.02 13.87
CA LEU A 144 -14.70 -4.16 12.98
C LEU A 144 -14.87 -5.46 13.76
N VAL A 145 -14.18 -5.57 14.90
CA VAL A 145 -14.18 -6.81 15.67
C VAL A 145 -15.58 -7.12 16.20
N GLU A 146 -16.33 -6.10 16.64
CA GLU A 146 -17.67 -6.34 17.17
C GLU A 146 -18.61 -6.78 16.04
N ILE A 147 -18.40 -6.21 14.85
CA ILE A 147 -19.21 -6.54 13.68
C ILE A 147 -18.96 -7.99 13.31
N LEU A 148 -17.70 -8.43 13.38
CA LEU A 148 -17.34 -9.80 13.01
C LEU A 148 -17.78 -10.79 14.09
N GLU A 149 -17.62 -10.42 15.36
CA GLU A 149 -18.07 -11.21 16.50
C GLU A 149 -19.53 -11.60 16.34
N ALA A 150 -20.36 -10.69 15.82
CA ALA A 150 -21.80 -10.91 15.73
C ALA A 150 -22.11 -11.94 14.64
N LYS A 151 -21.16 -12.14 13.72
CA LYS A 151 -21.32 -13.07 12.61
C LYS A 151 -20.53 -14.36 12.85
N ALA A 152 -20.04 -14.60 14.07
CA ALA A 152 -19.07 -15.67 14.26
C ALA A 152 -19.74 -16.99 14.63
N ASP A 153 -20.56 -17.52 13.71
CA ASP A 153 -21.35 -18.73 13.92
C ASP A 153 -20.68 -19.94 13.26
N GLY A 154 -19.46 -19.75 12.74
CA GLY A 154 -18.74 -20.79 12.02
C GLY A 154 -19.48 -21.27 10.76
N GLN A 155 -20.40 -20.45 10.25
CA GLN A 155 -21.25 -20.83 9.12
C GLN A 155 -21.35 -19.68 8.13
N THR A 156 -21.64 -18.47 8.62
CA THR A 156 -21.84 -17.29 7.80
C THR A 156 -20.53 -16.93 7.09
N PRO A 157 -20.52 -16.92 5.73
CA PRO A 157 -19.34 -16.53 4.96
C PRO A 157 -19.14 -15.02 4.99
N VAL A 158 -17.90 -14.59 5.28
CA VAL A 158 -17.57 -13.19 5.45
C VAL A 158 -16.37 -12.84 4.57
N SER A 159 -16.53 -11.83 3.72
CA SER A 159 -15.41 -11.37 2.91
C SER A 159 -14.49 -10.52 3.76
N MET A 160 -13.33 -11.07 4.13
CA MET A 160 -12.37 -10.33 4.94
C MET A 160 -11.71 -9.22 4.11
N GLN A 161 -11.51 -9.47 2.80
CA GLN A 161 -11.06 -8.42 1.91
C GLN A 161 -11.96 -7.18 2.06
N ASP A 162 -13.27 -7.36 1.84
CA ASP A 162 -14.22 -6.24 1.95
C ASP A 162 -14.16 -5.60 3.33
N MET A 163 -14.24 -6.43 4.38
CA MET A 163 -14.33 -5.92 5.74
C MET A 163 -13.05 -5.14 6.08
N LEU A 164 -11.89 -5.62 5.61
CA LEU A 164 -10.64 -4.98 5.96
C LEU A 164 -10.46 -3.68 5.18
N THR A 165 -11.00 -3.57 3.96
CA THR A 165 -10.82 -2.33 3.21
C THR A 165 -11.77 -1.26 3.76
N TYR A 166 -12.97 -1.68 4.16
CA TYR A 166 -13.93 -0.79 4.83
C TYR A 166 -13.25 -0.19 6.06
N THR A 167 -12.49 -1.02 6.80
CA THR A 167 -11.86 -0.59 8.03
C THR A 167 -10.74 0.40 7.71
N ALA A 168 -9.96 0.08 6.67
CA ALA A 168 -8.84 0.92 6.28
C ALA A 168 -9.35 2.26 5.77
N MET A 169 -10.47 2.23 5.04
CA MET A 169 -11.08 3.44 4.53
C MET A 169 -11.54 4.32 5.69
N ASP A 170 -12.22 3.72 6.68
CA ASP A 170 -12.78 4.44 7.81
C ASP A 170 -11.68 5.06 8.67
N ILE A 171 -10.60 4.31 8.92
CA ILE A 171 -9.44 4.81 9.63
C ILE A 171 -8.89 6.05 8.92
N LEU A 172 -8.62 5.93 7.61
CA LEU A 172 -7.97 6.96 6.82
C LEU A 172 -8.83 8.23 6.74
N ALA A 173 -10.12 8.07 6.42
CA ALA A 173 -11.03 9.19 6.31
C ALA A 173 -10.97 10.03 7.57
N LYS A 174 -11.01 9.36 8.73
CA LYS A 174 -11.03 10.03 10.02
C LYS A 174 -9.65 10.61 10.32
N ALA A 175 -8.61 9.78 10.19
CA ALA A 175 -7.26 10.15 10.61
C ALA A 175 -6.69 11.27 9.74
N ALA A 176 -6.94 11.21 8.42
CA ALA A 176 -6.33 12.14 7.48
C ALA A 176 -7.19 13.40 7.31
N PHE A 177 -8.52 13.26 7.27
CA PHE A 177 -9.40 14.33 6.84
C PHE A 177 -10.47 14.70 7.88
N GLY A 178 -10.52 14.00 9.01
CA GLY A 178 -11.53 14.27 10.04
C GLY A 178 -12.95 13.96 9.57
N MET A 179 -13.11 12.96 8.69
CA MET A 179 -14.43 12.62 8.18
C MET A 179 -14.78 11.18 8.58
N GLU A 180 -16.06 10.95 8.81
CA GLU A 180 -16.59 9.63 9.15
C GLU A 180 -17.27 9.05 7.92
N THR A 181 -16.61 8.09 7.26
CA THR A 181 -17.17 7.52 6.05
C THR A 181 -18.23 6.46 6.38
N SER A 182 -18.00 5.71 7.47
CA SER A 182 -18.94 4.74 8.00
C SER A 182 -19.19 3.58 7.04
N MET A 183 -18.15 3.16 6.32
CA MET A 183 -18.22 2.04 5.40
C MET A 183 -18.45 0.74 6.17
N LEU A 184 -17.92 0.66 7.40
CA LEU A 184 -18.17 -0.47 8.28
C LEU A 184 -19.66 -0.58 8.61
N LEU A 185 -20.40 0.53 8.45
CA LEU A 185 -21.84 0.54 8.64
C LEU A 185 -22.58 0.34 7.32
N GLY A 186 -21.83 0.06 6.23
CA GLY A 186 -22.46 -0.19 4.95
C GLY A 186 -22.74 1.09 4.16
N ALA A 187 -22.27 2.23 4.67
CA ALA A 187 -22.40 3.49 3.97
C ALA A 187 -21.36 3.60 2.85
N GLN A 188 -21.52 4.62 2.00
CA GLN A 188 -20.56 5.07 1.01
C GLN A 188 -20.23 3.98 -0.01
N LYS A 189 -21.23 3.20 -0.39
CA LYS A 189 -21.04 2.14 -1.38
C LYS A 189 -20.62 2.71 -2.72
N PRO A 190 -21.25 3.80 -3.25
CA PRO A 190 -20.77 4.44 -4.48
C PRO A 190 -19.29 4.82 -4.44
N LEU A 191 -18.82 5.24 -3.26
CA LEU A 191 -17.45 5.71 -3.11
C LEU A 191 -16.47 4.56 -3.35
N SER A 192 -16.75 3.39 -2.77
CA SER A 192 -15.86 2.25 -2.91
C SER A 192 -15.95 1.67 -4.33
N GLN A 193 -17.07 1.91 -5.01
CA GLN A 193 -17.21 1.51 -6.41
C GLN A 193 -16.29 2.38 -7.27
N ALA A 194 -16.30 3.69 -6.98
CA ALA A 194 -15.45 4.64 -7.66
C ALA A 194 -13.99 4.23 -7.54
N VAL A 195 -13.55 3.92 -6.31
CA VAL A 195 -12.16 3.56 -6.06
C VAL A 195 -11.81 2.30 -6.86
N LYS A 196 -12.69 1.30 -6.80
CA LYS A 196 -12.46 0.03 -7.48
C LYS A 196 -12.26 0.28 -8.98
N LEU A 197 -13.18 1.03 -9.60
CA LEU A 197 -13.21 1.21 -11.04
C LEU A 197 -11.99 2.00 -11.51
N MET A 198 -11.54 2.98 -10.72
CA MET A 198 -10.40 3.77 -11.18
C MET A 198 -9.12 2.95 -11.06
N LEU A 199 -9.06 2.07 -10.05
CA LEU A 199 -7.88 1.24 -9.84
C LEU A 199 -7.74 0.23 -10.99
N GLU A 200 -8.86 -0.38 -11.38
CA GLU A 200 -8.93 -1.29 -12.52
C GLU A 200 -8.52 -0.55 -13.79
N GLY A 201 -8.85 0.75 -13.86
CA GLY A 201 -8.58 1.59 -15.02
C GLY A 201 -7.09 1.90 -15.19
N ILE A 202 -6.36 2.03 -14.08
CA ILE A 202 -4.93 2.29 -14.12
C ILE A 202 -4.23 1.11 -14.82
N THR A 203 -4.60 -0.12 -14.43
CA THR A 203 -4.04 -1.33 -14.98
C THR A 203 -4.45 -1.50 -16.45
N ALA A 204 -5.73 -1.26 -16.74
CA ALA A 204 -6.26 -1.49 -18.08
C ALA A 204 -5.56 -0.61 -19.12
N SER A 205 -5.16 0.59 -18.70
CA SER A 205 -4.56 1.59 -19.58
C SER A 205 -3.24 1.09 -20.16
N ARG A 206 -2.53 0.26 -19.38
CA ARG A 206 -1.23 -0.33 -19.69
C ARG A 206 -1.03 -0.42 -21.22
N LYS A 216 -15.57 -1.47 -23.50
CA LYS A 216 -14.70 -0.37 -23.98
C LYS A 216 -15.39 0.96 -23.70
N ARG A 217 -16.43 1.26 -24.48
CA ARG A 217 -17.16 2.51 -24.42
C ARG A 217 -17.61 2.79 -22.99
N LYS A 218 -18.19 1.78 -22.34
CA LYS A 218 -18.83 1.92 -21.05
C LYS A 218 -17.79 1.83 -19.92
N GLN A 219 -16.68 1.13 -20.16
CA GLN A 219 -15.64 1.02 -19.15
C GLN A 219 -14.96 2.37 -18.96
N LEU A 220 -14.67 3.04 -20.09
CA LEU A 220 -14.06 4.36 -20.13
C LEU A 220 -14.93 5.40 -19.42
N ARG A 221 -16.24 5.33 -19.69
CA ARG A 221 -17.21 6.25 -19.12
C ARG A 221 -17.23 6.10 -17.59
N GLU A 222 -17.27 4.86 -17.11
CA GLU A 222 -17.34 4.57 -15.69
C GLU A 222 -16.06 4.99 -14.99
N VAL A 223 -14.91 4.75 -15.62
CA VAL A 223 -13.63 5.08 -15.02
C VAL A 223 -13.50 6.61 -14.88
N ARG A 224 -13.69 7.33 -15.99
CA ARG A 224 -13.64 8.78 -16.02
C ARG A 224 -14.57 9.37 -14.95
N GLU A 225 -15.81 8.88 -14.91
CA GLU A 225 -16.79 9.34 -13.94
C GLU A 225 -16.30 9.09 -12.50
N SER A 226 -15.67 7.93 -12.28
CA SER A 226 -15.16 7.55 -10.97
C SER A 226 -14.11 8.54 -10.47
N ILE A 227 -13.20 8.92 -11.38
CA ILE A 227 -12.11 9.83 -11.05
C ILE A 227 -12.68 11.20 -10.69
N ARG A 228 -13.66 11.68 -11.47
CA ARG A 228 -14.24 12.99 -11.26
C ARG A 228 -15.03 13.00 -9.96
N PHE A 229 -15.71 11.89 -9.69
CA PHE A 229 -16.43 11.68 -8.44
C PHE A 229 -15.49 11.89 -7.25
N LEU A 230 -14.29 11.31 -7.31
CA LEU A 230 -13.38 11.36 -6.17
C LEU A 230 -12.81 12.78 -5.99
N ARG A 231 -12.53 13.47 -7.09
CA ARG A 231 -12.01 14.83 -7.01
C ARG A 231 -13.11 15.76 -6.50
N GLN A 232 -14.37 15.39 -6.76
CA GLN A 232 -15.49 16.18 -6.30
C GLN A 232 -15.68 15.98 -4.79
N VAL A 233 -15.46 14.75 -4.33
CA VAL A 233 -15.47 14.44 -2.91
C VAL A 233 -14.40 15.28 -2.22
N GLY A 234 -13.21 15.32 -2.84
CA GLY A 234 -12.11 16.17 -2.42
C GLY A 234 -12.52 17.62 -2.19
N ARG A 235 -13.18 18.23 -3.19
CA ARG A 235 -13.69 19.59 -3.09
C ARG A 235 -14.65 19.72 -1.92
N ASP A 236 -15.50 18.70 -1.72
CA ASP A 236 -16.51 18.74 -0.67
C ASP A 236 -15.84 18.84 0.69
N TRP A 237 -14.94 17.88 0.97
CA TRP A 237 -14.30 17.78 2.27
C TRP A 237 -13.35 18.95 2.51
N VAL A 238 -12.83 19.52 1.42
CA VAL A 238 -11.98 20.69 1.49
C VAL A 238 -12.82 21.91 1.88
N GLN A 239 -14.03 21.99 1.31
CA GLN A 239 -14.95 23.08 1.60
C GLN A 239 -15.36 23.02 3.08
N ARG A 240 -15.68 21.81 3.54
CA ARG A 240 -16.11 21.56 4.91
C ARG A 240 -15.06 22.02 5.92
N ARG A 241 -13.77 21.86 5.56
CA ARG A 241 -12.68 22.21 6.46
C ARG A 241 -12.51 23.73 6.55
N ARG A 242 -12.60 24.42 5.40
CA ARG A 242 -12.43 25.86 5.34
C ARG A 242 -13.56 26.55 6.09
N GLU A 243 -14.77 26.00 5.94
CA GLU A 243 -15.95 26.52 6.62
C GLU A 243 -15.83 26.30 8.13
N ALA A 244 -15.41 25.09 8.53
CA ALA A 244 -15.13 24.81 9.92
C ALA A 244 -14.16 25.84 10.49
N LEU A 245 -13.12 26.19 9.70
CA LEU A 245 -12.09 27.13 10.10
C LEU A 245 -12.66 28.55 10.20
N LYS A 246 -13.47 28.95 9.20
CA LYS A 246 -14.04 30.30 9.20
C LYS A 246 -14.98 30.49 10.39
N ARG A 247 -15.77 29.46 10.71
CA ARG A 247 -16.72 29.55 11.81
C ARG A 247 -16.03 29.33 13.16
N GLY A 248 -14.69 29.27 13.16
CA GLY A 248 -13.88 29.16 14.36
C GLY A 248 -14.21 27.92 15.19
N GLU A 249 -14.33 26.77 14.50
CA GLU A 249 -14.60 25.50 15.17
C GLU A 249 -13.28 24.82 15.48
N GLU A 250 -13.32 23.70 16.20
CA GLU A 250 -12.07 23.02 16.52
C GLU A 250 -11.70 22.10 15.36
N VAL A 251 -10.49 22.28 14.82
CA VAL A 251 -9.98 21.43 13.76
C VAL A 251 -8.64 20.83 14.20
N PRO A 252 -8.60 19.51 14.51
CA PRO A 252 -7.35 18.82 14.81
C PRO A 252 -6.38 18.87 13.62
N ALA A 253 -5.09 19.05 13.93
CA ALA A 253 -4.05 19.03 12.92
C ALA A 253 -3.89 17.61 12.39
N ASP A 254 -3.96 17.47 11.06
CA ASP A 254 -3.97 16.18 10.39
C ASP A 254 -3.26 16.32 9.05
N ILE A 255 -3.38 15.29 8.20
CA ILE A 255 -2.80 15.30 6.87
C ILE A 255 -3.39 16.45 6.06
N LEU A 256 -4.71 16.65 6.18
CA LEU A 256 -5.38 17.68 5.39
C LEU A 256 -4.85 19.06 5.74
N THR A 257 -4.57 19.31 7.02
CA THR A 257 -3.96 20.56 7.43
C THR A 257 -2.69 20.80 6.61
N GLN A 258 -1.89 19.76 6.41
CA GLN A 258 -0.57 19.94 5.83
C GLN A 258 -0.61 20.01 4.31
N ILE A 259 -1.56 19.34 3.67
CA ILE A 259 -1.68 19.45 2.21
C ILE A 259 -2.28 20.81 1.84
N LEU A 260 -3.00 21.44 2.78
CA LEU A 260 -3.49 22.79 2.60
C LEU A 260 -2.33 23.78 2.72
N LYS A 261 -1.45 23.54 3.69
CA LYS A 261 -0.28 24.37 3.94
C LYS A 261 0.63 24.38 2.72
N ALA A 262 0.70 23.23 2.02
CA ALA A 262 1.60 23.04 0.89
C ALA A 262 1.16 23.88 -0.30
N GLU A 263 -0.07 24.38 -0.26
CA GLU A 263 -0.71 25.02 -1.40
C GLU A 263 -1.13 26.45 -1.05
N GLU A 264 -0.35 27.13 -0.20
CA GLU A 264 -0.74 28.41 0.39
C GLU A 264 -0.87 29.52 -0.65
N GLY A 265 -0.14 29.41 -1.77
CA GLY A 265 -0.19 30.48 -2.76
C GLY A 265 -0.31 29.96 -4.18
N ALA A 266 -1.09 28.88 -4.35
CA ALA A 266 -1.40 28.38 -5.69
C ALA A 266 -2.46 29.28 -6.31
N GLN A 267 -2.62 29.20 -7.64
CA GLN A 267 -3.64 30.00 -8.31
C GLN A 267 -4.98 29.26 -8.34
N ASP A 268 -4.96 27.95 -8.10
CA ASP A 268 -6.17 27.14 -8.02
C ASP A 268 -5.96 25.98 -7.05
N ASP A 269 -6.93 25.06 -7.00
CA ASP A 269 -6.91 23.98 -6.03
C ASP A 269 -6.53 22.65 -6.68
N GLU A 270 -5.87 22.70 -7.85
CA GLU A 270 -5.57 21.46 -8.56
C GLU A 270 -4.51 20.64 -7.83
N GLY A 271 -3.46 21.30 -7.32
CA GLY A 271 -2.44 20.67 -6.50
C GLY A 271 -3.01 20.11 -5.20
N LEU A 272 -3.89 20.89 -4.56
CA LEU A 272 -4.57 20.46 -3.35
C LEU A 272 -5.30 19.14 -3.60
N LEU A 273 -6.10 19.10 -4.68
CA LEU A 273 -6.94 17.95 -4.96
C LEU A 273 -6.08 16.77 -5.42
N ASP A 274 -4.97 17.06 -6.11
CA ASP A 274 -4.00 16.02 -6.45
C ASP A 274 -3.58 15.30 -5.17
N ASN A 275 -3.25 16.07 -4.13
CA ASN A 275 -2.78 15.50 -2.88
C ASN A 275 -3.90 14.82 -2.12
N PHE A 276 -5.10 15.40 -2.15
CA PHE A 276 -6.27 14.80 -1.55
C PHE A 276 -6.49 13.39 -2.08
N VAL A 277 -6.56 13.27 -3.41
CA VAL A 277 -6.76 11.99 -4.08
C VAL A 277 -5.63 11.02 -3.70
N THR A 278 -4.39 11.53 -3.80
CA THR A 278 -3.19 10.78 -3.48
C THR A 278 -3.33 10.11 -2.12
N PHE A 279 -3.59 10.92 -1.08
CA PHE A 279 -3.65 10.41 0.27
C PHE A 279 -4.92 9.62 0.49
N PHE A 280 -6.01 10.01 -0.17
CA PHE A 280 -7.25 9.26 -0.03
C PHE A 280 -7.05 7.80 -0.47
N ILE A 281 -6.34 7.60 -1.59
CA ILE A 281 -6.15 6.26 -2.14
C ILE A 281 -4.98 5.56 -1.43
N ALA A 282 -3.81 6.22 -1.43
CA ALA A 282 -2.60 5.62 -0.88
C ALA A 282 -2.76 5.32 0.60
N GLY A 283 -3.62 6.11 1.27
CA GLY A 283 -3.77 6.05 2.71
C GLY A 283 -4.62 4.86 3.16
N HIS A 284 -5.28 4.16 2.23
CA HIS A 284 -6.06 3.01 2.64
C HIS A 284 -5.82 1.77 1.78
N GLU A 285 -5.50 1.96 0.49
CA GLU A 285 -5.51 0.84 -0.45
C GLU A 285 -4.42 -0.18 -0.10
N THR A 286 -3.18 0.30 0.11
CA THR A 286 -2.11 -0.64 0.35
C THR A 286 -2.27 -1.29 1.71
N SER A 287 -2.74 -0.52 2.70
CA SER A 287 -3.00 -1.08 4.02
C SER A 287 -4.05 -2.19 3.92
N ALA A 288 -5.12 -1.94 3.16
CA ALA A 288 -6.17 -2.92 2.97
C ALA A 288 -5.62 -4.19 2.32
N ASN A 289 -4.83 -4.01 1.26
CA ASN A 289 -4.21 -5.12 0.53
C ASN A 289 -3.39 -5.99 1.47
N HIS A 290 -2.59 -5.32 2.32
CA HIS A 290 -1.66 -5.97 3.23
C HIS A 290 -2.43 -6.77 4.27
N LEU A 291 -3.49 -6.17 4.83
CA LEU A 291 -4.32 -6.86 5.80
C LEU A 291 -4.96 -8.11 5.17
N ALA A 292 -5.54 -7.95 3.99
CA ALA A 292 -6.22 -9.02 3.29
C ALA A 292 -5.24 -10.16 3.00
N PHE A 293 -4.03 -9.82 2.51
CA PHE A 293 -3.01 -10.82 2.22
C PHE A 293 -2.64 -11.60 3.49
N THR A 294 -2.55 -10.88 4.60
CA THR A 294 -2.04 -11.49 5.82
C THR A 294 -3.06 -12.50 6.34
N VAL A 295 -4.33 -12.08 6.40
CA VAL A 295 -5.36 -12.95 6.90
C VAL A 295 -5.48 -14.18 5.99
N MET A 296 -5.37 -13.95 4.67
CA MET A 296 -5.48 -15.03 3.70
C MET A 296 -4.41 -16.09 3.97
N GLU A 297 -3.15 -15.65 4.15
CA GLU A 297 -2.03 -16.57 4.33
C GLU A 297 -2.08 -17.26 5.70
N LEU A 298 -2.32 -16.47 6.76
CA LEU A 298 -2.40 -17.00 8.11
C LEU A 298 -3.51 -18.06 8.23
N SER A 299 -4.49 -18.05 7.31
CA SER A 299 -5.60 -19.00 7.35
C SER A 299 -5.14 -20.43 7.03
N ARG A 300 -3.92 -20.57 6.49
CA ARG A 300 -3.31 -21.88 6.28
C ARG A 300 -2.03 -22.02 7.11
N GLN A 301 -1.93 -21.24 8.19
CA GLN A 301 -0.76 -21.30 9.06
C GLN A 301 -1.21 -21.43 10.52
N PRO A 302 -1.89 -22.54 10.91
CA PRO A 302 -2.46 -22.62 12.27
C PRO A 302 -1.41 -22.47 13.36
N GLU A 303 -0.21 -23.02 13.13
CA GLU A 303 0.84 -22.98 14.14
C GLU A 303 1.24 -21.54 14.43
N ILE A 304 1.41 -20.77 13.34
CA ILE A 304 1.79 -19.37 13.48
C ILE A 304 0.67 -18.59 14.15
N VAL A 305 -0.59 -18.88 13.76
CA VAL A 305 -1.73 -18.19 14.31
C VAL A 305 -1.79 -18.42 15.83
N ALA A 306 -1.53 -19.67 16.24
CA ALA A 306 -1.57 -20.04 17.64
C ALA A 306 -0.51 -19.27 18.42
N ARG A 307 0.65 -19.03 17.77
CA ARG A 307 1.73 -18.26 18.35
C ARG A 307 1.32 -16.79 18.44
N LEU A 308 0.72 -16.25 17.36
CA LEU A 308 0.25 -14.88 17.33
C LEU A 308 -0.82 -14.67 18.41
N GLN A 309 -1.68 -15.68 18.61
CA GLN A 309 -2.75 -15.61 19.60
C GLN A 309 -2.14 -15.53 21.00
N ALA A 310 -1.07 -16.32 21.23
CA ALA A 310 -0.44 -16.37 22.52
C ALA A 310 0.29 -15.05 22.82
N GLU A 311 0.92 -14.46 21.80
CA GLU A 311 1.61 -13.19 21.97
C GLU A 311 0.61 -12.12 22.39
N VAL A 312 -0.48 -11.98 21.61
CA VAL A 312 -1.49 -10.96 21.89
C VAL A 312 -2.06 -11.17 23.29
N ASP A 313 -2.30 -12.43 23.69
CA ASP A 313 -2.84 -12.74 25.00
C ASP A 313 -1.89 -12.26 26.10
N GLU A 314 -0.59 -12.47 25.88
CA GLU A 314 0.39 -12.21 26.92
C GLU A 314 0.66 -10.71 27.08
N VAL A 315 0.55 -9.95 25.99
CA VAL A 315 1.00 -8.56 26.04
C VAL A 315 -0.14 -7.61 26.38
N ILE A 316 -1.33 -7.79 25.77
CA ILE A 316 -2.42 -6.87 26.04
C ILE A 316 -3.40 -7.47 27.04
N GLY A 317 -3.50 -8.80 27.06
CA GLY A 317 -4.38 -9.49 27.99
C GLY A 317 -5.83 -9.42 27.54
N SER A 318 -6.68 -8.87 28.42
CA SER A 318 -8.11 -8.76 28.14
C SER A 318 -8.44 -7.37 27.59
N LYS A 319 -7.47 -6.44 27.70
CA LYS A 319 -7.63 -5.04 27.34
C LYS A 319 -8.27 -4.92 25.96
N ARG A 320 -9.06 -3.87 25.79
CA ARG A 320 -9.73 -3.58 24.54
C ARG A 320 -8.89 -2.58 23.74
N TYR A 321 -8.05 -1.82 24.44
CA TYR A 321 -7.25 -0.78 23.84
C TYR A 321 -5.78 -1.19 23.86
N LEU A 322 -5.12 -1.06 22.70
CA LEU A 322 -3.67 -1.17 22.58
C LEU A 322 -3.03 0.21 22.75
N ASP A 323 -2.09 0.33 23.69
CA ASP A 323 -1.31 1.56 23.85
C ASP A 323 -0.25 1.58 22.76
N PHE A 324 0.43 2.72 22.60
CA PHE A 324 1.58 2.78 21.72
C PHE A 324 2.66 1.80 22.15
N GLU A 325 2.93 1.75 23.46
CA GLU A 325 4.03 0.97 24.00
C GLU A 325 3.79 -0.53 23.78
N ASP A 326 2.51 -0.93 23.73
CA ASP A 326 2.11 -2.30 23.47
C ASP A 326 2.54 -2.72 22.06
N LEU A 327 2.41 -1.81 21.07
CA LEU A 327 2.72 -2.13 19.69
C LEU A 327 4.15 -2.66 19.57
N GLY A 328 5.05 -2.08 20.38
CA GLY A 328 6.46 -2.46 20.35
C GLY A 328 6.69 -3.88 20.85
N ARG A 329 5.82 -4.35 21.75
CA ARG A 329 6.01 -5.66 22.38
C ARG A 329 5.39 -6.77 21.53
N LEU A 330 4.80 -6.42 20.38
CA LEU A 330 4.23 -7.42 19.51
C LEU A 330 5.25 -7.79 18.43
N GLN A 331 6.36 -8.38 18.90
CA GLN A 331 7.55 -8.67 18.11
C GLN A 331 7.25 -9.73 17.06
N TYR A 332 6.54 -10.79 17.46
CA TYR A 332 6.26 -11.89 16.56
C TYR A 332 5.26 -11.45 15.49
N LEU A 333 4.25 -10.66 15.87
CA LEU A 333 3.33 -10.12 14.88
C LEU A 333 4.07 -9.20 13.92
N SER A 334 5.00 -8.43 14.49
CA SER A 334 5.86 -7.56 13.70
C SER A 334 6.57 -8.36 12.60
N GLN A 335 7.08 -9.55 12.95
CA GLN A 335 7.85 -10.34 11.98
C GLN A 335 6.91 -10.96 10.95
N VAL A 336 5.71 -11.35 11.40
CA VAL A 336 4.73 -11.98 10.53
C VAL A 336 4.32 -11.02 9.41
N LEU A 337 4.10 -9.73 9.77
CA LEU A 337 3.71 -8.70 8.83
C LEU A 337 4.87 -8.39 7.87
N LYS A 338 6.11 -8.55 8.31
CA LYS A 338 7.23 -8.32 7.41
C LYS A 338 7.28 -9.40 6.34
N GLU A 339 7.12 -10.65 6.78
CA GLU A 339 7.15 -11.81 5.91
C GLU A 339 5.97 -11.75 4.94
N SER A 340 4.82 -11.25 5.42
CA SER A 340 3.68 -11.04 4.53
C SER A 340 4.01 -10.03 3.44
N LEU A 341 4.81 -9.01 3.77
CA LEU A 341 5.21 -8.01 2.79
C LEU A 341 6.28 -8.55 1.83
N ARG A 342 7.05 -9.56 2.27
CA ARG A 342 8.03 -10.15 1.38
C ARG A 342 7.33 -10.88 0.23
N LEU A 343 6.41 -11.78 0.59
CA LEU A 343 5.67 -12.61 -0.34
C LEU A 343 4.59 -11.83 -1.08
N TYR A 344 3.96 -10.87 -0.38
CA TYR A 344 2.75 -10.24 -0.89
C TYR A 344 2.82 -8.71 -0.77
N PRO A 345 3.77 -8.03 -1.45
CA PRO A 345 3.83 -6.57 -1.43
C PRO A 345 2.78 -5.98 -2.36
N PRO A 346 1.85 -5.15 -1.82
CA PRO A 346 0.84 -4.48 -2.63
C PRO A 346 1.49 -3.54 -3.65
N ALA A 347 2.51 -2.79 -3.21
CA ALA A 347 3.23 -1.91 -4.10
C ALA A 347 4.40 -2.68 -4.69
N TRP A 348 4.28 -2.99 -5.99
CA TRP A 348 5.11 -4.00 -6.62
C TRP A 348 6.24 -3.39 -7.45
N GLY A 349 6.15 -2.11 -7.82
CA GLY A 349 7.17 -1.52 -8.69
C GLY A 349 7.42 -0.04 -8.42
N THR A 350 8.67 0.38 -8.64
CA THR A 350 9.04 1.79 -8.64
C THR A 350 10.02 2.04 -9.79
N PHE A 351 9.98 3.26 -10.33
CA PHE A 351 10.76 3.62 -11.51
C PHE A 351 11.67 4.81 -11.23
N ARG A 352 12.87 4.76 -11.82
CA ARG A 352 13.78 5.90 -11.84
C ARG A 352 14.22 6.16 -13.27
N LEU A 353 14.53 7.42 -13.58
CA LEU A 353 15.05 7.79 -14.89
C LEU A 353 16.57 7.67 -14.87
N LEU A 354 17.09 6.83 -15.76
CA LEU A 354 18.52 6.84 -16.04
C LEU A 354 18.77 7.82 -17.17
N GLU A 355 19.53 8.89 -16.88
CA GLU A 355 19.72 9.99 -17.80
C GLU A 355 20.84 9.67 -18.79
N GLU A 356 21.93 9.10 -18.28
CA GLU A 356 23.13 8.89 -19.08
C GLU A 356 23.34 7.38 -19.23
N GLU A 357 23.86 6.98 -20.40
CA GLU A 357 24.22 5.58 -20.61
C GLU A 357 25.15 5.14 -19.48
N THR A 358 24.83 3.98 -18.88
CA THR A 358 25.50 3.48 -17.69
C THR A 358 25.62 1.96 -17.79
N LEU A 359 26.72 1.41 -17.27
CA LEU A 359 26.84 -0.02 -17.13
C LEU A 359 26.14 -0.45 -15.83
N ILE A 360 25.14 -1.33 -15.97
CA ILE A 360 24.42 -1.91 -14.85
C ILE A 360 24.63 -3.42 -14.85
N ASP A 361 25.42 -3.91 -13.89
CA ASP A 361 25.74 -5.32 -13.75
C ASP A 361 26.17 -5.90 -15.09
N GLY A 362 27.11 -5.23 -15.76
CA GLY A 362 27.70 -5.80 -16.96
C GLY A 362 26.81 -5.67 -18.19
N VAL A 363 25.72 -4.90 -18.06
CA VAL A 363 24.84 -4.64 -19.19
C VAL A 363 24.86 -3.14 -19.48
N ARG A 364 25.10 -2.79 -20.74
CA ARG A 364 25.03 -1.41 -21.22
C ARG A 364 23.57 -0.99 -21.37
N VAL A 365 23.15 -0.05 -20.53
CA VAL A 365 21.80 0.50 -20.61
C VAL A 365 21.90 1.92 -21.15
N PRO A 366 21.26 2.22 -22.31
CA PRO A 366 21.30 3.56 -22.89
C PRO A 366 20.74 4.63 -21.96
N GLY A 367 21.11 5.88 -22.23
CA GLY A 367 20.54 7.02 -21.52
C GLY A 367 19.04 7.17 -21.82
N ASN A 368 18.34 7.88 -20.94
CA ASN A 368 16.91 8.09 -21.06
C ASN A 368 16.22 6.73 -21.16
N THR A 369 16.28 5.97 -20.06
CA THR A 369 15.66 4.67 -19.97
C THR A 369 15.02 4.55 -18.59
N PRO A 370 13.75 4.12 -18.51
CA PRO A 370 13.12 3.83 -17.22
C PRO A 370 13.62 2.50 -16.64
N LEU A 371 14.07 2.55 -15.38
CA LEU A 371 14.56 1.41 -14.64
C LEU A 371 13.49 0.97 -13.65
N LEU A 372 13.11 -0.32 -13.68
CA LEU A 372 12.08 -0.85 -12.81
C LEU A 372 12.70 -1.66 -11.67
N PHE A 373 12.31 -1.31 -10.43
CA PHE A 373 12.72 -2.02 -9.23
C PHE A 373 11.50 -2.67 -8.59
N SER A 374 11.61 -3.96 -8.26
CA SER A 374 10.45 -4.72 -7.79
C SER A 374 10.82 -5.59 -6.59
N THR A 375 10.28 -5.22 -5.43
CA THR A 375 10.39 -5.98 -4.19
C THR A 375 9.65 -7.31 -4.34
N TYR A 376 8.65 -7.33 -5.24
CA TYR A 376 7.88 -8.54 -5.50
C TYR A 376 8.76 -9.62 -6.13
N VAL A 377 9.45 -9.24 -7.22
CA VAL A 377 10.31 -10.16 -7.97
C VAL A 377 11.44 -10.66 -7.07
N MET A 378 12.10 -9.74 -6.37
CA MET A 378 13.29 -10.06 -5.61
C MET A 378 12.93 -10.95 -4.41
N GLY A 379 11.75 -10.71 -3.83
CA GLY A 379 11.25 -11.51 -2.72
C GLY A 379 10.95 -12.96 -3.10
N ARG A 380 10.77 -13.22 -4.40
CA ARG A 380 10.42 -14.57 -4.83
C ARG A 380 11.58 -15.28 -5.52
N MET A 381 12.78 -14.70 -5.42
CA MET A 381 13.97 -15.24 -6.07
C MET A 381 14.80 -16.03 -5.06
N ASP A 382 15.16 -17.27 -5.40
CA ASP A 382 15.90 -18.09 -4.47
C ASP A 382 17.33 -17.60 -4.28
N THR A 383 17.85 -16.80 -5.22
CA THR A 383 19.18 -16.26 -5.00
C THR A 383 19.15 -15.22 -3.88
N TYR A 384 17.95 -14.72 -3.53
CA TYR A 384 17.84 -13.70 -2.51
C TYR A 384 17.25 -14.29 -1.23
N PHE A 385 16.34 -15.27 -1.38
CA PHE A 385 15.62 -15.87 -0.28
C PHE A 385 15.55 -17.38 -0.42
N GLU A 386 16.14 -18.09 0.54
CA GLU A 386 16.06 -19.53 0.68
C GLU A 386 14.59 -19.91 0.72
N ASP A 387 14.19 -20.87 -0.13
CA ASP A 387 12.81 -21.37 -0.24
C ASP A 387 11.83 -20.21 -0.31
N PRO A 388 11.85 -19.43 -1.41
CA PRO A 388 11.18 -18.13 -1.44
C PRO A 388 9.68 -18.17 -1.18
N LEU A 389 9.03 -19.28 -1.54
CA LEU A 389 7.58 -19.41 -1.42
C LEU A 389 7.19 -19.94 -0.03
N THR A 390 8.16 -20.22 0.85
CA THR A 390 7.83 -20.65 2.19
C THR A 390 7.59 -19.40 3.04
N PHE A 391 6.48 -19.41 3.78
CA PHE A 391 6.12 -18.31 4.66
C PHE A 391 6.80 -18.53 6.01
N ASN A 392 7.96 -17.89 6.22
CA ASN A 392 8.69 -18.06 7.46
C ASN A 392 8.95 -16.71 8.12
N PRO A 393 8.24 -16.37 9.22
CA PRO A 393 8.48 -15.13 9.96
C PRO A 393 9.84 -15.06 10.65
N ASP A 394 10.49 -16.22 10.82
CA ASP A 394 11.77 -16.31 11.48
C ASP A 394 12.85 -15.62 10.64
N ARG A 395 12.54 -15.36 9.35
CA ARG A 395 13.44 -14.61 8.48
C ARG A 395 13.70 -13.22 9.05
N PHE A 396 12.77 -12.72 9.87
CA PHE A 396 12.86 -11.37 10.40
C PHE A 396 13.06 -11.40 11.91
N GLY A 397 13.48 -12.55 12.45
CA GLY A 397 13.78 -12.67 13.87
C GLY A 397 15.02 -11.87 14.26
N PRO A 398 15.08 -11.31 15.49
CA PRO A 398 16.29 -10.61 15.94
C PRO A 398 17.47 -11.58 15.91
N GLY A 399 18.58 -11.12 15.33
CA GLY A 399 19.74 -11.99 15.19
C GLY A 399 19.74 -12.75 13.87
N ALA A 400 18.62 -12.69 13.14
CA ALA A 400 18.58 -13.14 11.75
C ALA A 400 19.33 -12.12 10.90
N PRO A 401 20.06 -12.56 9.86
CA PRO A 401 20.74 -11.63 8.95
C PRO A 401 19.68 -10.85 8.17
N LYS A 402 19.76 -9.51 8.25
CA LYS A 402 18.74 -8.64 7.68
C LYS A 402 18.91 -8.57 6.16
N PRO A 403 17.79 -8.59 5.38
CA PRO A 403 17.89 -8.51 3.93
C PRO A 403 18.59 -7.22 3.52
N ARG A 404 19.71 -7.37 2.80
CA ARG A 404 20.51 -6.21 2.42
C ARG A 404 20.12 -5.81 1.00
N PHE A 405 19.12 -4.91 0.89
CA PHE A 405 18.68 -4.31 -0.36
C PHE A 405 17.94 -5.32 -1.24
N THR A 406 17.25 -6.30 -0.64
CA THR A 406 16.50 -7.29 -1.40
C THR A 406 15.02 -7.26 -1.01
N TYR A 407 14.69 -6.40 -0.04
CA TYR A 407 13.37 -6.30 0.53
C TYR A 407 13.07 -4.83 0.82
N PHE A 408 12.06 -4.30 0.12
CA PHE A 408 11.75 -2.88 0.18
C PHE A 408 10.27 -2.65 -0.13
N PRO A 409 9.34 -3.15 0.73
CA PRO A 409 7.90 -3.04 0.46
C PRO A 409 7.35 -1.62 0.60
N PHE A 410 8.12 -0.73 1.23
CA PHE A 410 7.79 0.68 1.30
C PHE A 410 8.82 1.49 0.51
N SER A 411 9.55 0.78 -0.37
CA SER A 411 10.64 1.36 -1.15
C SER A 411 11.79 1.80 -0.24
N LEU A 412 12.80 2.47 -0.83
CA LEU A 412 13.98 2.90 -0.08
C LEU A 412 14.38 4.29 -0.53
N GLY A 413 15.16 4.97 0.33
CA GLY A 413 15.73 6.27 -0.01
C GLY A 413 14.67 7.36 0.13
N HIS A 414 14.98 8.54 -0.44
CA HIS A 414 14.17 9.73 -0.27
C HIS A 414 12.74 9.55 -0.78
N ARG A 415 12.51 8.62 -1.71
CA ARG A 415 11.15 8.42 -2.20
C ARG A 415 10.47 7.23 -1.52
N SER A 416 10.90 6.89 -0.30
CA SER A 416 10.23 5.86 0.45
C SER A 416 8.89 6.36 0.99
N CYS A 417 8.03 5.43 1.42
CA CYS A 417 6.67 5.72 1.85
C CYS A 417 6.67 6.63 3.07
N ILE A 418 6.06 7.82 2.93
CA ILE A 418 5.82 8.72 4.05
C ILE A 418 4.87 8.06 5.05
N GLY A 419 4.02 7.14 4.58
CA GLY A 419 2.95 6.54 5.38
C GLY A 419 3.37 5.26 6.12
N GLN A 420 4.67 4.92 6.05
CA GLN A 420 5.16 3.62 6.49
C GLN A 420 4.79 3.34 7.95
N GLN A 421 5.14 4.27 8.86
CA GLN A 421 4.86 4.10 10.28
C GLN A 421 3.35 4.15 10.55
N PHE A 422 2.64 5.04 9.85
CA PHE A 422 1.19 5.11 9.93
C PHE A 422 0.62 3.72 9.64
N ALA A 423 1.09 3.10 8.55
CA ALA A 423 0.62 1.79 8.11
C ALA A 423 0.96 0.73 9.15
N GLN A 424 2.23 0.70 9.58
CA GLN A 424 2.72 -0.33 10.48
C GLN A 424 1.91 -0.35 11.77
N MET A 425 1.56 0.83 12.30
CA MET A 425 0.82 0.94 13.55
C MET A 425 -0.63 0.53 13.32
N GLU A 426 -1.19 1.01 12.21
CA GLU A 426 -2.57 0.76 11.80
C GLU A 426 -2.82 -0.74 11.73
N VAL A 427 -1.99 -1.44 10.96
CA VAL A 427 -2.23 -2.84 10.66
C VAL A 427 -1.90 -3.69 11.89
N LYS A 428 -0.94 -3.26 12.72
CA LYS A 428 -0.70 -3.98 13.97
C LYS A 428 -1.95 -3.95 14.85
N VAL A 429 -2.59 -2.78 14.97
CA VAL A 429 -3.74 -2.64 15.85
C VAL A 429 -4.91 -3.50 15.36
N VAL A 430 -5.17 -3.48 14.05
CA VAL A 430 -6.25 -4.25 13.47
C VAL A 430 -5.98 -5.74 13.68
N MET A 431 -4.76 -6.18 13.35
CA MET A 431 -4.45 -7.59 13.40
C MET A 431 -4.56 -8.10 14.83
N ALA A 432 -4.08 -7.31 15.80
CA ALA A 432 -4.01 -7.74 17.20
C ALA A 432 -5.41 -7.94 17.79
N LYS A 433 -6.34 -7.08 17.38
CA LYS A 433 -7.72 -7.17 17.86
C LYS A 433 -8.41 -8.38 17.24
N LEU A 434 -8.11 -8.67 15.96
CA LEU A 434 -8.65 -9.85 15.31
C LEU A 434 -8.23 -11.11 16.07
N LEU A 435 -6.92 -11.18 16.37
CA LEU A 435 -6.27 -12.36 16.93
C LEU A 435 -6.70 -12.54 18.38
N GLN A 436 -7.05 -11.44 19.03
CA GLN A 436 -7.46 -11.46 20.43
C GLN A 436 -8.82 -12.15 20.56
N ARG A 437 -9.64 -12.04 19.52
CA ARG A 437 -11.08 -12.17 19.69
C ARG A 437 -11.66 -13.30 18.83
N LEU A 438 -11.03 -13.61 17.68
CA LEU A 438 -11.70 -14.35 16.62
C LEU A 438 -10.79 -15.44 16.04
N GLU A 439 -11.40 -16.60 15.74
CA GLU A 439 -10.78 -17.64 14.93
C GLU A 439 -11.36 -17.58 13.52
N PHE A 440 -10.49 -17.68 12.51
CA PHE A 440 -10.86 -17.54 11.11
C PHE A 440 -10.55 -18.82 10.35
N ARG A 441 -11.50 -19.25 9.52
CA ARG A 441 -11.30 -20.38 8.63
C ARG A 441 -11.70 -19.96 7.21
N LEU A 442 -10.78 -20.14 6.26
CA LEU A 442 -11.01 -19.77 4.87
C LEU A 442 -12.01 -20.74 4.25
N VAL A 443 -13.07 -20.23 3.64
CA VAL A 443 -14.05 -21.11 3.02
C VAL A 443 -13.34 -21.93 1.94
N PRO A 444 -13.45 -23.28 1.96
CA PRO A 444 -12.83 -24.12 0.93
C PRO A 444 -13.22 -23.63 -0.47
N GLY A 445 -12.23 -23.57 -1.37
CA GLY A 445 -12.45 -23.10 -2.73
C GLY A 445 -11.87 -21.70 -2.93
N GLN A 446 -11.68 -20.97 -1.84
CA GLN A 446 -11.06 -19.65 -1.89
C GLN A 446 -9.59 -19.82 -2.29
N ARG A 447 -9.17 -19.08 -3.30
CA ARG A 447 -7.84 -19.23 -3.86
C ARG A 447 -6.87 -18.33 -3.11
N PHE A 448 -5.57 -18.57 -3.34
CA PHE A 448 -4.50 -17.78 -2.72
C PHE A 448 -3.82 -16.92 -3.78
N GLY A 449 -4.40 -16.91 -4.99
CA GLY A 449 -3.86 -16.15 -6.11
C GLY A 449 -3.98 -14.65 -5.92
N LEU A 450 -3.23 -13.92 -6.75
CA LEU A 450 -3.14 -12.48 -6.75
C LEU A 450 -3.91 -11.92 -7.94
N GLN A 451 -4.31 -10.66 -7.84
CA GLN A 451 -4.78 -9.89 -8.97
C GLN A 451 -4.11 -8.51 -8.91
N GLU A 452 -3.98 -7.89 -10.10
CA GLU A 452 -3.41 -6.56 -10.22
C GLU A 452 -4.53 -5.56 -10.54
N GLN A 453 -4.79 -4.66 -9.60
CA GLN A 453 -5.66 -3.51 -9.81
C GLN A 453 -4.93 -2.28 -9.28
N ALA A 454 -4.04 -1.74 -10.13
CA ALA A 454 -2.96 -0.84 -9.73
C ALA A 454 -2.01 -1.60 -8.82
N THR A 455 -2.37 -1.71 -7.52
CA THR A 455 -1.62 -2.54 -6.58
C THR A 455 -2.02 -4.00 -6.69
N LEU A 456 -1.26 -4.86 -6.00
CA LEU A 456 -1.52 -6.29 -5.94
C LEU A 456 -2.41 -6.57 -4.74
N LYS A 457 -3.38 -7.47 -4.92
CA LYS A 457 -4.30 -7.84 -3.85
C LYS A 457 -4.82 -9.25 -4.10
N PRO A 458 -5.40 -9.95 -3.08
CA PRO A 458 -6.05 -11.23 -3.31
C PRO A 458 -7.06 -11.23 -4.45
N LEU A 459 -6.96 -12.24 -5.33
CA LEU A 459 -7.88 -12.46 -6.43
C LEU A 459 -9.29 -12.70 -5.89
N ASP A 460 -9.38 -13.43 -4.78
CA ASP A 460 -10.64 -13.81 -4.16
C ASP A 460 -10.94 -12.87 -3.00
N PRO A 461 -12.22 -12.81 -2.54
CA PRO A 461 -12.63 -11.91 -1.46
C PRO A 461 -12.26 -12.36 -0.04
N VAL A 462 -11.42 -13.39 0.06
CA VAL A 462 -10.95 -13.96 1.32
C VAL A 462 -12.16 -14.28 2.20
N LEU A 463 -13.10 -15.07 1.65
CA LEU A 463 -14.27 -15.54 2.38
C LEU A 463 -13.80 -16.44 3.52
N CYS A 464 -14.26 -16.12 4.74
CA CYS A 464 -13.96 -16.90 5.94
C CYS A 464 -15.25 -17.11 6.75
N THR A 465 -15.35 -18.28 7.41
CA THR A 465 -16.25 -18.43 8.54
C THR A 465 -15.46 -18.06 9.80
N LEU A 466 -16.18 -17.68 10.86
CA LEU A 466 -15.57 -17.11 12.05
C LEU A 466 -16.17 -17.74 13.29
N ARG A 467 -15.34 -17.87 14.33
CA ARG A 467 -15.77 -18.34 15.64
C ARG A 467 -15.11 -17.43 16.67
N PRO A 468 -15.74 -17.18 17.84
CA PRO A 468 -15.08 -16.43 18.92
C PRO A 468 -13.99 -17.28 19.55
N ARG A 469 -12.90 -16.64 20.01
CA ARG A 469 -11.90 -17.33 20.80
C ARG A 469 -12.48 -17.69 22.16
N GLY A 470 -12.14 -18.88 22.65
CA GLY A 470 -12.83 -19.47 23.78
C GLY A 470 -13.96 -20.36 23.29
N TRP A 471 -13.57 -21.41 22.55
CA TRP A 471 -14.47 -22.38 21.94
C TRP A 471 -14.99 -21.81 20.61
#